data_4FII
#
_entry.id   4FII
#
_cell.length_a   61.557
_cell.length_b   61.557
_cell.length_c   181.771
_cell.angle_alpha   90.00
_cell.angle_beta   90.00
_cell.angle_gamma   90.00
#
_symmetry.space_group_name_H-M   'P 41 21 2'
#
loop_
_entity.id
_entity.type
_entity.pdbx_description
1 polymer 'Serine/threonine-protein kinase PAK 4'
2 polymer 'Serine/threonine-protein kinase PAK 4'
3 water water
#
loop_
_entity_poly.entity_id
_entity_poly.type
_entity_poly.pdbx_seq_one_letter_code
_entity_poly.pdbx_strand_id
1 'polypeptide(L)'
;MGSSHHHHHHSSGLVPRGSHMENLYFQGARARQENGMPEKPPGPRSPQREPQRVSHEQFRAALQLVVDPGDPRSYLDNFI
KIGEGSTGIVCIATVRSSGKLVAVKKMDLRKQQRRELLFNEVVIMRDYQHENVVEMYNSYLVGDELWVVMEFLEGGALTD
IVTHTRMNEEQIAAVCLAVLQALSVLHAQGVIHRDIKSDSILLTHDGRVKLSDFGFCAQVSKEVPRRK(SEP)LVGTPYW
MAPELISRLPYGPEVDIWSLGIMVIEMVDGEPPYFNEPPLKAMKMIRDNLPPRLKNLHKVSPSLKGFLDRLLVRDPAQRA
TAAELLKHPFLAKAGPPASIVPLMRQNRTR
;
A
2 'polypeptide(L)' RPKPLVDP B
#
# COMPACT_ATOMS: atom_id res chain seq x y z
N VAL A 54 -30.23 7.68 -6.08
CA VAL A 54 -31.14 6.49 -5.79
C VAL A 54 -30.33 5.23 -5.36
N SER A 55 -29.45 4.66 -6.20
CA SER A 55 -28.58 3.64 -5.65
C SER A 55 -27.50 4.31 -4.80
N HIS A 56 -27.35 5.63 -4.92
CA HIS A 56 -26.47 6.34 -4.05
C HIS A 56 -27.09 6.42 -2.65
N GLU A 57 -28.34 6.87 -2.58
CA GLU A 57 -29.05 6.85 -1.30
C GLU A 57 -29.03 5.43 -0.72
N GLN A 58 -29.11 4.40 -1.55
CA GLN A 58 -29.26 3.03 -1.10
C GLN A 58 -27.93 2.65 -0.51
N PHE A 59 -26.88 3.12 -1.18
CA PHE A 59 -25.57 2.80 -0.67
C PHE A 59 -25.17 3.51 0.61
N ARG A 60 -25.50 4.81 0.73
CA ARG A 60 -25.29 5.56 2.00
C ARG A 60 -25.89 4.83 3.19
N ALA A 61 -27.11 4.31 2.99
CA ALA A 61 -27.85 3.60 4.03
C ALA A 61 -27.12 2.29 4.47
N ALA A 62 -26.71 1.47 3.50
CA ALA A 62 -25.87 0.31 3.78
C ALA A 62 -24.61 0.64 4.57
N LEU A 63 -23.81 1.60 4.07
CA LEU A 63 -22.61 1.99 4.77
CA LEU A 63 -22.60 2.03 4.78
C LEU A 63 -22.92 2.44 6.21
N GLN A 64 -24.04 3.15 6.40
CA GLN A 64 -24.45 3.60 7.72
C GLN A 64 -24.58 2.48 8.75
N LEU A 65 -25.07 1.31 8.31
CA LEU A 65 -25.24 0.21 9.25
C LEU A 65 -23.93 -0.42 9.64
N VAL A 66 -22.88 -0.14 8.89
CA VAL A 66 -21.57 -0.77 9.13
C VAL A 66 -20.59 0.17 9.92
N VAL A 67 -20.73 1.48 9.76
CA VAL A 67 -19.73 2.44 10.28
C VAL A 67 -20.11 2.78 11.73
N ASP A 68 -19.26 3.53 12.44
CA ASP A 68 -19.62 4.01 13.76
C ASP A 68 -20.64 5.12 13.63
N PRO A 69 -21.50 5.27 14.63
CA PRO A 69 -22.40 6.41 14.58
C PRO A 69 -21.71 7.72 14.90
N GLY A 70 -22.33 8.85 14.57
CA GLY A 70 -21.76 10.13 14.92
C GLY A 70 -21.00 10.77 13.82
N ASP A 71 -20.30 11.84 14.17
CA ASP A 71 -19.66 12.70 13.19
C ASP A 71 -18.40 13.17 13.90
N PRO A 72 -17.23 12.83 13.36
CA PRO A 72 -16.03 13.14 14.12
C PRO A 72 -15.66 14.63 14.12
N ARG A 73 -16.39 15.45 13.34
CA ARG A 73 -16.23 16.93 13.43
C ARG A 73 -16.59 17.39 14.81
N SER A 74 -17.38 16.62 15.54
CA SER A 74 -17.65 17.04 16.91
C SER A 74 -16.40 16.99 17.83
N TYR A 75 -15.42 16.11 17.56
CA TYR A 75 -14.22 16.08 18.44
C TYR A 75 -12.94 16.47 17.77
N LEU A 76 -12.99 16.87 16.48
CA LEU A 76 -11.77 17.17 15.70
C LEU A 76 -11.76 18.61 15.16
N ASP A 77 -10.58 19.26 15.09
CA ASP A 77 -10.41 20.65 14.66
C ASP A 77 -9.37 20.71 13.57
N ASN A 78 -9.38 21.80 12.80
CA ASN A 78 -8.24 22.18 11.94
C ASN A 78 -7.88 21.05 10.96
N PHE A 79 -8.88 20.63 10.19
CA PHE A 79 -8.69 19.71 9.06
C PHE A 79 -7.82 20.36 7.99
N ILE A 80 -6.72 19.73 7.60
CA ILE A 80 -5.84 20.26 6.61
C ILE A 80 -5.50 19.12 5.64
N LYS A 81 -5.74 19.38 4.35
CA LYS A 81 -5.48 18.36 3.35
C LYS A 81 -4.02 18.12 3.19
N ILE A 82 -3.62 16.85 3.21
CA ILE A 82 -2.19 16.56 2.97
C ILE A 82 -1.91 15.68 1.76
N GLY A 83 -2.97 15.12 1.16
CA GLY A 83 -2.75 14.02 0.22
C GLY A 83 -4.01 13.67 -0.50
N GLU A 84 -3.86 13.17 -1.71
CA GLU A 84 -4.91 12.41 -2.37
C GLU A 84 -4.34 11.11 -2.87
N GLY A 85 -5.11 10.05 -2.72
CA GLY A 85 -4.58 8.77 -3.06
C GLY A 85 -5.60 7.98 -3.82
N SER A 86 -5.43 6.65 -3.69
CA SER A 86 -6.31 5.63 -4.27
C SER A 86 -7.76 6.14 -4.48
N THR A 87 -8.51 6.31 -3.38
CA THR A 87 -9.99 6.47 -3.39
C THR A 87 -10.55 7.78 -2.77
N GLY A 88 -9.68 8.69 -2.34
CA GLY A 88 -10.21 10.01 -1.93
C GLY A 88 -9.03 10.81 -1.41
N ILE A 89 -9.29 11.69 -0.43
CA ILE A 89 -8.26 12.57 0.17
C ILE A 89 -7.92 12.19 1.61
N VAL A 90 -6.77 12.67 2.05
CA VAL A 90 -6.31 12.43 3.38
C VAL A 90 -6.01 13.83 3.99
N CYS A 91 -6.58 14.09 5.15
CA CYS A 91 -6.33 15.31 5.92
C CYS A 91 -5.70 14.94 7.22
N ILE A 92 -5.00 15.88 7.86
CA ILE A 92 -4.71 15.71 9.28
CA ILE A 92 -4.61 15.80 9.27
C ILE A 92 -5.74 16.53 9.99
N ALA A 93 -5.98 16.20 11.25
CA ALA A 93 -6.93 16.93 12.04
C ALA A 93 -6.39 16.88 13.43
N THR A 94 -6.79 17.85 14.27
CA THR A 94 -6.32 17.88 15.66
C THR A 94 -7.42 17.41 16.56
N VAL A 95 -7.08 16.48 17.46
CA VAL A 95 -8.07 15.98 18.46
C VAL A 95 -8.18 17.05 19.52
N ARG A 96 -9.33 17.68 19.59
CA ARG A 96 -9.44 18.86 20.43
C ARG A 96 -9.03 18.63 21.90
N SER A 97 -9.54 17.54 22.51
CA SER A 97 -9.28 17.37 23.99
C SER A 97 -7.79 17.04 24.28
N SER A 98 -7.10 16.41 23.35
CA SER A 98 -5.74 15.92 23.58
C SER A 98 -4.62 16.80 22.95
N GLY A 99 -5.01 17.55 21.90
CA GLY A 99 -3.98 18.17 21.04
C GLY A 99 -3.28 17.16 20.16
N LYS A 100 -3.67 15.87 20.12
CA LYS A 100 -2.95 14.90 19.31
C LYS A 100 -3.42 15.02 17.88
N LEU A 101 -2.61 14.51 16.97
CA LEU A 101 -2.95 14.61 15.55
C LEU A 101 -3.40 13.23 15.06
N VAL A 102 -4.43 13.20 14.19
CA VAL A 102 -4.93 11.95 13.58
C VAL A 102 -5.09 12.24 12.11
N ALA A 103 -5.11 11.19 11.30
CA ALA A 103 -5.34 11.36 9.87
C ALA A 103 -6.81 11.06 9.65
N VAL A 104 -7.43 11.71 8.65
CA VAL A 104 -8.83 11.43 8.27
C VAL A 104 -8.87 11.15 6.76
N LYS A 105 -9.23 9.93 6.39
CA LYS A 105 -9.34 9.58 5.00
C LYS A 105 -10.80 9.93 4.58
N LYS A 106 -11.01 10.69 3.51
CA LYS A 106 -12.35 11.04 3.12
C LYS A 106 -12.59 10.51 1.73
N MET A 107 -13.66 9.72 1.56
CA MET A 107 -13.89 8.98 0.33
C MET A 107 -15.32 9.24 -0.12
N ASP A 108 -15.44 9.95 -1.24
CA ASP A 108 -16.71 10.31 -1.79
C ASP A 108 -17.33 9.06 -2.42
N LEU A 109 -18.50 8.70 -1.93
CA LEU A 109 -19.21 7.53 -2.46
C LEU A 109 -19.44 7.63 -3.98
N ARG A 110 -19.66 8.85 -4.47
CA ARG A 110 -20.08 9.04 -5.86
C ARG A 110 -18.92 8.96 -6.83
N LYS A 111 -17.72 8.98 -6.28
CA LYS A 111 -16.53 9.01 -7.11
C LYS A 111 -15.82 7.67 -7.17
N GLN A 112 -16.41 6.57 -6.73
CA GLN A 112 -15.65 5.28 -6.76
C GLN A 112 -16.02 4.52 -8.03
N GLN A 113 -15.03 3.89 -8.68
CA GLN A 113 -15.29 2.90 -9.76
C GLN A 113 -16.16 1.73 -9.23
N ARG A 114 -15.81 1.17 -8.07
CA ARG A 114 -16.61 0.10 -7.48
C ARG A 114 -16.88 0.49 -6.03
N ARG A 115 -18.07 1.05 -5.76
CA ARG A 115 -18.40 1.54 -4.40
C ARG A 115 -18.26 0.48 -3.37
N GLU A 116 -18.53 -0.75 -3.77
CA GLU A 116 -18.55 -1.83 -2.79
C GLU A 116 -17.19 -2.14 -2.21
N LEU A 117 -16.12 -1.76 -2.89
CA LEU A 117 -14.76 -1.88 -2.29
C LEU A 117 -14.57 -0.96 -1.04
N LEU A 118 -15.43 0.05 -0.87
CA LEU A 118 -15.35 0.92 0.32
C LEU A 118 -15.50 0.12 1.57
N PHE A 119 -16.23 -1.02 1.50
CA PHE A 119 -16.31 -1.89 2.69
C PHE A 119 -14.94 -2.40 3.15
N ASN A 120 -13.98 -2.53 2.23
CA ASN A 120 -12.58 -2.90 2.59
C ASN A 120 -12.02 -2.06 3.74
N GLU A 121 -12.27 -0.76 3.73
CA GLU A 121 -11.84 0.06 4.86
C GLU A 121 -12.40 -0.49 6.24
N VAL A 122 -13.63 -0.98 6.25
CA VAL A 122 -14.22 -1.50 7.49
C VAL A 122 -13.74 -2.94 7.79
N VAL A 123 -13.87 -3.86 6.85
CA VAL A 123 -13.27 -5.19 7.04
C VAL A 123 -11.81 -5.09 7.65
N ILE A 124 -10.97 -4.24 7.06
CA ILE A 124 -9.56 -4.30 7.43
C ILE A 124 -9.36 -3.75 8.82
N MET A 125 -10.21 -2.79 9.19
CA MET A 125 -10.17 -2.11 10.48
C MET A 125 -10.68 -2.98 11.62
N ARG A 126 -11.86 -3.53 11.40
CA ARG A 126 -12.42 -4.47 12.33
C ARG A 126 -11.52 -5.67 12.60
N ASP A 127 -10.66 -6.03 11.66
CA ASP A 127 -10.16 -7.38 11.73
C ASP A 127 -8.67 -7.65 11.61
N TYR A 128 -7.89 -6.77 10.95
CA TYR A 128 -6.48 -7.09 10.67
C TYR A 128 -5.52 -6.03 11.19
N GLN A 129 -5.54 -5.74 12.50
CA GLN A 129 -4.57 -4.75 13.08
C GLN A 129 -3.18 -5.42 13.28
N HIS A 130 -2.05 -4.68 13.23
CA HIS A 130 -0.67 -5.28 13.22
C HIS A 130 0.39 -4.21 13.28
N GLU A 131 1.54 -4.54 13.84
CA GLU A 131 2.66 -3.60 14.03
C GLU A 131 2.94 -2.83 12.73
N ASN A 132 2.82 -3.50 11.59
CA ASN A 132 3.24 -2.87 10.33
C ASN A 132 2.06 -2.48 9.43
N VAL A 133 0.89 -2.28 10.03
CA VAL A 133 -0.28 -1.87 9.29
C VAL A 133 -0.84 -0.61 10.02
N VAL A 134 -1.24 0.37 9.25
CA VAL A 134 -1.74 1.62 9.79
C VAL A 134 -2.91 1.32 10.74
N GLU A 135 -2.92 1.82 11.95
CA GLU A 135 -4.09 1.47 12.70
C GLU A 135 -5.25 2.43 12.42
N MET A 136 -6.44 1.82 12.42
CA MET A 136 -7.66 2.52 12.00
C MET A 136 -8.49 2.61 13.26
N TYR A 137 -8.98 3.78 13.61
CA TYR A 137 -9.71 3.94 14.88
C TYR A 137 -11.24 3.81 14.73
N ASN A 138 -11.83 4.46 13.74
CA ASN A 138 -13.29 4.65 13.72
C ASN A 138 -13.61 5.04 12.29
N SER A 139 -14.79 4.60 11.85
CA SER A 139 -15.31 5.07 10.56
C SER A 139 -16.71 5.71 10.74
N TYR A 140 -17.06 6.59 9.78
CA TYR A 140 -18.25 7.37 9.86
C TYR A 140 -18.74 7.63 8.43
N LEU A 141 -20.04 7.89 8.34
CA LEU A 141 -20.65 8.42 7.13
C LEU A 141 -20.91 9.87 7.36
N VAL A 142 -20.28 10.76 6.58
CA VAL A 142 -20.47 12.20 6.73
C VAL A 142 -20.98 12.79 5.40
N GLY A 143 -22.30 13.00 5.34
CA GLY A 143 -22.98 13.32 4.10
C GLY A 143 -22.73 12.32 3.02
N ASP A 144 -22.00 12.71 1.98
CA ASP A 144 -21.88 11.80 0.84
C ASP A 144 -20.56 11.11 0.89
N GLU A 145 -19.87 11.23 2.04
CA GLU A 145 -18.54 10.64 2.17
C GLU A 145 -18.35 9.63 3.30
N LEU A 146 -17.48 8.68 3.08
CA LEU A 146 -17.01 7.78 4.13
C LEU A 146 -15.75 8.46 4.64
N TRP A 147 -15.69 8.61 5.98
CA TRP A 147 -14.51 9.04 6.68
C TRP A 147 -13.96 8.02 7.58
N VAL A 148 -12.66 7.85 7.45
CA VAL A 148 -11.93 6.94 8.34
C VAL A 148 -10.92 7.76 9.15
N VAL A 149 -11.09 7.74 10.46
CA VAL A 149 -10.15 8.37 11.40
C VAL A 149 -9.10 7.29 11.74
N MET A 150 -7.85 7.61 11.55
CA MET A 150 -6.80 6.60 11.62
C MET A 150 -5.51 7.25 12.11
N GLU A 151 -4.54 6.41 12.42
CA GLU A 151 -3.22 6.83 12.85
C GLU A 151 -2.61 7.78 11.79
N PHE A 152 -2.06 8.90 12.24
CA PHE A 152 -1.28 9.78 11.36
C PHE A 152 0.19 9.32 11.33
N LEU A 153 0.68 9.02 10.14
CA LEU A 153 2.04 8.55 9.86
C LEU A 153 2.79 9.80 9.38
N GLU A 154 3.32 10.52 10.36
CA GLU A 154 3.81 11.87 10.14
C GLU A 154 5.10 11.91 9.31
N GLY A 155 5.81 10.77 9.27
CA GLY A 155 7.00 10.65 8.40
C GLY A 155 6.63 10.63 6.90
N GLY A 156 5.34 10.63 6.56
CA GLY A 156 4.94 10.65 5.16
C GLY A 156 5.10 9.35 4.40
N ALA A 157 5.06 9.43 3.08
CA ALA A 157 5.00 8.23 2.23
C ALA A 157 6.40 7.88 1.70
N LEU A 158 6.63 6.60 1.48
CA LEU A 158 7.89 6.14 0.89
C LEU A 158 8.16 6.77 -0.47
N THR A 159 7.11 7.14 -1.22
CA THR A 159 7.30 7.83 -2.51
C THR A 159 8.17 9.07 -2.39
N ASP A 160 7.98 9.84 -1.33
CA ASP A 160 8.69 11.14 -1.30
C ASP A 160 10.18 10.86 -1.10
N ILE A 161 10.52 9.74 -0.47
CA ILE A 161 11.96 9.39 -0.24
C ILE A 161 12.53 8.86 -1.53
N VAL A 162 11.82 7.92 -2.16
CA VAL A 162 12.31 7.30 -3.40
C VAL A 162 12.50 8.32 -4.57
N THR A 163 11.66 9.34 -4.65
CA THR A 163 11.81 10.28 -5.79
C THR A 163 12.89 11.40 -5.53
N HIS A 164 13.37 11.52 -4.30
CA HIS A 164 14.30 12.59 -3.90
C HIS A 164 15.61 12.12 -3.31
N THR A 165 15.78 10.85 -2.91
CA THR A 165 17.14 10.49 -2.50
C THR A 165 17.45 9.08 -2.88
N ARG A 166 18.61 8.63 -2.48
CA ARG A 166 18.97 7.29 -2.85
C ARG A 166 19.09 6.45 -1.60
N MET A 167 18.27 5.42 -1.50
CA MET A 167 18.39 4.57 -0.29
C MET A 167 19.58 3.63 -0.40
N ASN A 168 20.27 3.32 0.69
CA ASN A 168 21.22 2.20 0.68
C ASN A 168 20.55 0.86 1.03
N GLU A 169 21.31 -0.23 1.13
CA GLU A 169 20.63 -1.51 1.25
C GLU A 169 20.23 -1.84 2.67
N GLU A 170 20.93 -1.30 3.67
CA GLU A 170 20.43 -1.34 5.05
C GLU A 170 18.96 -0.77 5.08
N GLN A 171 18.74 0.36 4.42
CA GLN A 171 17.43 1.01 4.38
C GLN A 171 16.38 0.19 3.55
N ILE A 172 16.79 -0.25 2.34
CA ILE A 172 15.88 -1.04 1.50
C ILE A 172 15.49 -2.33 2.25
N ALA A 173 16.48 -2.95 2.91
CA ALA A 173 16.20 -4.21 3.62
C ALA A 173 15.24 -3.99 4.79
N ALA A 174 15.39 -2.87 5.49
CA ALA A 174 14.46 -2.54 6.58
C ALA A 174 13.03 -2.36 6.02
N VAL A 175 12.86 -1.56 4.95
CA VAL A 175 11.54 -1.41 4.32
C VAL A 175 11.00 -2.78 3.89
N CYS A 176 11.80 -3.55 3.13
CA CYS A 176 11.34 -4.86 2.66
C CYS A 176 10.96 -5.78 3.82
N LEU A 177 11.78 -5.80 4.87
CA LEU A 177 11.47 -6.68 6.00
C LEU A 177 10.12 -6.30 6.66
N ALA A 178 9.90 -4.98 6.82
CA ALA A 178 8.73 -4.47 7.46
C ALA A 178 7.48 -4.81 6.60
N VAL A 179 7.57 -4.56 5.29
CA VAL A 179 6.47 -4.84 4.40
C VAL A 179 6.17 -6.35 4.35
N LEU A 180 7.23 -7.17 4.32
CA LEU A 180 7.02 -8.60 4.21
C LEU A 180 6.40 -9.19 5.50
N GLN A 181 6.74 -8.62 6.65
CA GLN A 181 6.16 -9.07 7.89
C GLN A 181 4.64 -8.84 7.82
N ALA A 182 4.23 -7.68 7.34
CA ALA A 182 2.84 -7.34 7.21
C ALA A 182 2.19 -8.33 6.23
N LEU A 183 2.74 -8.50 5.03
CA LEU A 183 2.16 -9.38 4.01
C LEU A 183 2.10 -10.78 4.53
N SER A 184 3.13 -11.26 5.26
CA SER A 184 3.12 -12.66 5.70
CA SER A 184 3.08 -12.68 5.64
C SER A 184 1.85 -12.90 6.51
N VAL A 185 1.48 -11.92 7.34
CA VAL A 185 0.38 -12.08 8.27
C VAL A 185 -0.97 -11.97 7.50
N LEU A 186 -1.07 -10.96 6.63
CA LEU A 186 -2.25 -10.81 5.76
C LEU A 186 -2.51 -12.01 4.85
N HIS A 187 -1.45 -12.49 4.23
CA HIS A 187 -1.56 -13.58 3.23
C HIS A 187 -1.91 -14.85 3.93
N ALA A 188 -1.34 -15.12 5.12
CA ALA A 188 -1.76 -16.32 5.89
C ALA A 188 -3.27 -16.28 6.20
N GLN A 189 -3.86 -15.11 6.26
CA GLN A 189 -5.29 -15.05 6.52
C GLN A 189 -6.09 -14.88 5.24
N GLY A 190 -5.42 -15.03 4.10
CA GLY A 190 -6.07 -14.96 2.81
C GLY A 190 -6.33 -13.53 2.31
N VAL A 191 -5.77 -12.51 2.96
CA VAL A 191 -6.00 -11.14 2.51
C VAL A 191 -4.90 -10.75 1.51
N ILE A 192 -5.29 -10.28 0.31
CA ILE A 192 -4.34 -9.80 -0.71
C ILE A 192 -4.49 -8.26 -0.75
N HIS A 193 -3.41 -7.51 -0.71
CA HIS A 193 -3.55 -6.07 -0.58
C HIS A 193 -3.98 -5.47 -1.94
N ARG A 194 -3.30 -5.95 -3.00
CA ARG A 194 -3.44 -5.58 -4.42
C ARG A 194 -3.04 -4.19 -4.88
N ASP A 195 -2.51 -3.33 -4.02
CA ASP A 195 -1.98 -2.02 -4.49
C ASP A 195 -0.68 -1.66 -3.78
N ILE A 196 0.21 -2.65 -3.68
CA ILE A 196 1.53 -2.44 -3.13
C ILE A 196 2.31 -1.58 -4.14
N LYS A 197 2.85 -0.49 -3.62
CA LYS A 197 3.63 0.54 -4.34
C LYS A 197 4.22 1.48 -3.26
N SER A 198 5.26 2.26 -3.59
CA SER A 198 5.81 3.18 -2.59
C SER A 198 4.77 4.14 -2.00
N ASP A 199 3.75 4.55 -2.78
CA ASP A 199 2.69 5.44 -2.25
C ASP A 199 1.87 4.86 -1.11
N SER A 200 1.79 3.52 -1.03
CA SER A 200 1.08 2.83 0.03
C SER A 200 1.87 2.47 1.27
N ILE A 201 3.18 2.81 1.30
CA ILE A 201 3.99 2.52 2.48
C ILE A 201 4.22 3.87 3.16
N LEU A 202 3.80 3.99 4.43
CA LEU A 202 3.86 5.22 5.24
C LEU A 202 4.84 5.01 6.37
N LEU A 203 5.36 6.14 6.88
CA LEU A 203 6.32 6.06 7.94
CA LEU A 203 6.44 6.19 7.87
C LEU A 203 6.05 6.93 9.14
N THR A 204 6.40 6.42 10.32
CA THR A 204 6.36 7.27 11.52
C THR A 204 7.61 8.17 11.51
N HIS A 205 7.60 9.23 12.31
CA HIS A 205 8.82 10.13 12.40
C HIS A 205 10.05 9.37 12.83
N ASP A 206 9.90 8.26 13.55
CA ASP A 206 11.11 7.53 14.02
C ASP A 206 11.33 6.27 13.15
N GLY A 207 10.75 6.28 11.94
CA GLY A 207 11.27 5.40 10.87
C GLY A 207 10.62 4.02 10.77
N ARG A 208 9.54 3.81 11.50
CA ARG A 208 8.80 2.56 11.47
C ARG A 208 7.92 2.56 10.20
N VAL A 209 7.82 1.39 9.57
CA VAL A 209 7.20 1.30 8.23
C VAL A 209 5.84 0.64 8.38
N LYS A 210 4.79 1.23 7.80
CA LYS A 210 3.46 0.62 7.84
C LYS A 210 2.76 0.56 6.48
N LEU A 211 2.07 -0.55 6.20
CA LEU A 211 1.25 -0.66 5.01
CA LEU A 211 1.21 -0.67 5.01
C LEU A 211 -0.06 0.12 5.19
N SER A 212 -0.46 0.81 4.15
CA SER A 212 -1.64 1.61 4.18
C SER A 212 -2.48 1.33 2.94
N ASP A 213 -3.65 1.99 2.83
CA ASP A 213 -4.49 2.00 1.63
C ASP A 213 -4.99 0.62 1.18
N PHE A 214 -5.78 -0.02 2.05
CA PHE A 214 -6.38 -1.31 1.77
C PHE A 214 -7.64 -1.27 0.92
N GLY A 215 -7.91 -0.13 0.30
CA GLY A 215 -9.24 0.02 -0.35
C GLY A 215 -9.48 -0.99 -1.47
N PHE A 216 -8.41 -1.54 -2.04
CA PHE A 216 -8.53 -2.47 -3.17
C PHE A 216 -8.33 -3.90 -2.81
N CYS A 217 -8.24 -4.20 -1.52
CA CYS A 217 -7.82 -5.52 -1.11
C CYS A 217 -8.97 -6.51 -1.32
N ALA A 218 -8.69 -7.80 -1.28
CA ALA A 218 -9.74 -8.83 -1.38
C ALA A 218 -9.29 -10.03 -0.60
N GLN A 219 -10.21 -10.99 -0.39
CA GLN A 219 -9.94 -12.19 0.37
C GLN A 219 -10.03 -13.40 -0.52
N VAL A 220 -9.09 -14.30 -0.31
CA VAL A 220 -9.17 -15.68 -0.85
C VAL A 220 -9.33 -16.68 0.33
N SER A 221 -9.79 -17.90 0.05
CA SER A 221 -10.19 -18.88 1.09
C SER A 221 -10.43 -20.22 0.38
N LYS A 222 -10.78 -21.27 1.12
CA LYS A 222 -11.00 -22.55 0.46
C LYS A 222 -12.13 -22.45 -0.58
N GLU A 223 -13.19 -21.69 -0.27
CA GLU A 223 -14.31 -21.56 -1.17
C GLU A 223 -14.12 -20.55 -2.34
N VAL A 224 -13.14 -19.67 -2.24
CA VAL A 224 -12.87 -18.68 -3.29
C VAL A 224 -11.35 -18.60 -3.33
N PRO A 225 -10.74 -19.60 -3.96
CA PRO A 225 -9.29 -19.70 -3.89
C PRO A 225 -8.54 -18.62 -4.67
N ARG A 226 -9.17 -17.96 -5.64
CA ARG A 226 -8.41 -16.98 -6.45
C ARG A 226 -9.33 -15.78 -6.67
N ARG A 227 -8.73 -14.60 -6.89
CA ARG A 227 -9.43 -13.38 -7.31
C ARG A 227 -9.29 -13.26 -8.83
N LYS A 228 -10.18 -12.47 -9.45
CA LYS A 228 -10.11 -12.24 -10.92
C LYS A 228 -10.10 -10.75 -11.32
N LEU A 230 -9.66 -6.81 -12.18
CA LEU A 230 -8.54 -6.00 -12.72
C LEU A 230 -8.38 -4.79 -11.80
N VAL A 231 -7.42 -4.85 -10.89
CA VAL A 231 -7.29 -3.86 -9.80
C VAL A 231 -5.79 -3.67 -9.46
N GLY A 232 -5.46 -2.43 -9.14
CA GLY A 232 -4.10 -2.05 -8.74
C GLY A 232 -3.75 -0.74 -9.41
N THR A 233 -2.43 -0.49 -9.57
CA THR A 233 -1.90 0.67 -10.32
C THR A 233 -1.02 0.11 -11.43
N PRO A 234 -1.34 0.45 -12.71
CA PRO A 234 -0.77 -0.24 -13.86
C PRO A 234 0.69 -0.74 -13.72
N TYR A 235 1.61 0.16 -13.30
CA TYR A 235 3.07 -0.11 -13.46
C TYR A 235 3.50 -1.17 -12.46
N TRP A 236 2.68 -1.34 -11.43
CA TRP A 236 2.98 -2.30 -10.37
C TRP A 236 2.23 -3.61 -10.52
N MET A 237 1.35 -3.73 -11.50
CA MET A 237 0.44 -4.91 -11.54
C MET A 237 1.15 -6.20 -11.93
N ALA A 238 0.81 -7.33 -11.27
CA ALA A 238 1.47 -8.62 -11.61
C ALA A 238 1.11 -9.04 -13.05
N PRO A 239 2.03 -9.75 -13.74
CA PRO A 239 1.65 -10.16 -15.13
C PRO A 239 0.41 -11.02 -15.25
N GLU A 240 0.19 -11.95 -14.32
CA GLU A 240 -0.95 -12.88 -14.42
C GLU A 240 -2.22 -12.09 -14.21
N LEU A 241 -2.12 -11.02 -13.43
CA LEU A 241 -3.28 -10.16 -13.20
C LEU A 241 -3.64 -9.36 -14.47
N ILE A 242 -2.66 -8.73 -15.10
CA ILE A 242 -2.87 -8.06 -16.41
C ILE A 242 -3.37 -9.05 -17.47
N SER A 243 -2.94 -10.33 -17.37
CA SER A 243 -3.38 -11.30 -18.38
C SER A 243 -4.77 -11.84 -18.07
N ARG A 244 -5.37 -11.40 -16.98
CA ARG A 244 -6.75 -11.79 -16.60
C ARG A 244 -6.83 -13.28 -16.23
N LEU A 245 -5.78 -13.80 -15.60
CA LEU A 245 -5.80 -15.15 -15.04
C LEU A 245 -6.30 -15.09 -13.54
N PRO A 246 -6.91 -16.17 -13.04
CA PRO A 246 -7.28 -16.17 -11.63
C PRO A 246 -5.98 -16.02 -10.82
N TYR A 247 -5.96 -15.19 -9.78
CA TYR A 247 -4.65 -14.88 -9.14
C TYR A 247 -4.83 -14.90 -7.62
N GLY A 248 -3.72 -14.96 -6.92
CA GLY A 248 -3.75 -14.90 -5.45
C GLY A 248 -2.77 -13.96 -4.80
N PRO A 249 -2.35 -14.26 -3.55
CA PRO A 249 -1.46 -13.31 -2.85
C PRO A 249 -0.11 -13.07 -3.58
N GLU A 250 0.28 -13.98 -4.47
CA GLU A 250 1.55 -13.85 -5.25
C GLU A 250 1.61 -12.48 -5.92
N VAL A 251 0.44 -11.91 -6.24
CA VAL A 251 0.45 -10.58 -6.92
C VAL A 251 1.11 -9.46 -6.11
N ASP A 252 0.95 -9.53 -4.79
CA ASP A 252 1.57 -8.55 -3.88
C ASP A 252 3.08 -8.71 -3.90
N ILE A 253 3.56 -9.95 -4.07
CA ILE A 253 5.01 -10.21 -4.14
C ILE A 253 5.71 -9.60 -5.37
N TRP A 254 5.06 -9.73 -6.52
CA TRP A 254 5.53 -9.07 -7.71
C TRP A 254 5.50 -7.57 -7.51
N SER A 255 4.40 -7.04 -7.00
CA SER A 255 4.29 -5.60 -6.78
C SER A 255 5.38 -5.13 -5.86
N LEU A 256 5.67 -5.86 -4.80
CA LEU A 256 6.83 -5.48 -3.97
C LEU A 256 8.17 -5.38 -4.79
N GLY A 257 8.41 -6.35 -5.68
CA GLY A 257 9.58 -6.33 -6.57
C GLY A 257 9.60 -5.03 -7.33
N ILE A 258 8.45 -4.57 -7.85
CA ILE A 258 8.45 -3.29 -8.57
C ILE A 258 8.78 -2.19 -7.61
N MET A 259 8.26 -2.27 -6.40
CA MET A 259 8.67 -1.28 -5.36
C MET A 259 10.18 -1.31 -5.02
N VAL A 260 10.79 -2.48 -5.10
CA VAL A 260 12.25 -2.52 -4.91
C VAL A 260 12.92 -1.75 -6.04
N ILE A 261 12.42 -1.91 -7.28
CA ILE A 261 12.95 -1.13 -8.43
C ILE A 261 12.76 0.36 -8.15
N GLU A 262 11.60 0.77 -7.66
CA GLU A 262 11.42 2.14 -7.21
C GLU A 262 12.51 2.57 -6.25
N MET A 263 12.76 1.78 -5.22
CA MET A 263 13.76 2.10 -4.20
C MET A 263 15.16 2.23 -4.76
N VAL A 264 15.51 1.40 -5.74
CA VAL A 264 16.87 1.48 -6.34
C VAL A 264 16.96 2.56 -7.42
N ASP A 265 15.95 2.67 -8.26
CA ASP A 265 15.99 3.54 -9.48
C ASP A 265 15.17 4.82 -9.37
N GLY A 266 14.24 4.90 -8.40
CA GLY A 266 13.51 6.15 -8.21
C GLY A 266 12.13 6.04 -8.88
N GLU A 267 11.97 5.06 -9.81
CA GLU A 267 10.74 4.82 -10.56
C GLU A 267 10.54 3.34 -10.88
N PRO A 268 9.25 2.91 -11.00
CA PRO A 268 8.95 1.58 -11.52
C PRO A 268 9.34 1.58 -13.02
N PRO A 269 9.46 0.39 -13.66
CA PRO A 269 9.74 0.25 -15.07
C PRO A 269 8.64 0.87 -15.88
N TYR A 270 8.94 1.19 -17.14
CA TYR A 270 8.01 1.76 -18.11
C TYR A 270 7.26 2.98 -17.62
N PHE A 271 7.82 3.74 -16.66
CA PHE A 271 7.08 4.83 -16.01
C PHE A 271 6.83 5.94 -17.00
N ASN A 272 7.67 6.02 -18.03
CA ASN A 272 7.53 7.00 -19.14
C ASN A 272 6.53 6.65 -20.22
N GLU A 273 5.94 5.46 -20.14
CA GLU A 273 4.88 5.00 -21.05
C GLU A 273 3.46 5.35 -20.51
N PRO A 274 2.49 5.64 -21.41
CA PRO A 274 1.11 5.69 -20.90
C PRO A 274 0.75 4.35 -20.19
N PRO A 275 -0.11 4.40 -19.16
CA PRO A 275 -0.45 3.21 -18.34
C PRO A 275 -0.77 1.92 -19.14
N LEU A 276 -1.60 2.07 -20.20
CA LEU A 276 -2.15 0.92 -20.94
C LEU A 276 -1.08 0.22 -21.70
N LYS A 277 -0.13 0.99 -22.23
CA LYS A 277 1.00 0.46 -22.95
C LYS A 277 2.00 -0.22 -22.02
N ALA A 278 2.15 0.31 -20.80
CA ALA A 278 3.07 -0.31 -19.82
C ALA A 278 2.60 -1.70 -19.34
N MET A 279 1.30 -1.84 -19.16
CA MET A 279 0.67 -3.12 -18.82
C MET A 279 0.91 -4.15 -19.90
N LYS A 280 0.72 -3.74 -21.16
CA LYS A 280 0.98 -4.61 -22.29
C LYS A 280 2.45 -5.06 -22.27
N MET A 281 3.34 -4.09 -22.06
CA MET A 281 4.72 -4.40 -21.96
C MET A 281 5.00 -5.36 -20.82
N ILE A 282 4.38 -5.15 -19.64
CA ILE A 282 4.52 -6.08 -18.47
C ILE A 282 4.00 -7.50 -18.76
N ARG A 283 2.82 -7.59 -19.40
CA ARG A 283 2.21 -8.87 -19.84
C ARG A 283 3.11 -9.65 -20.78
N ASP A 284 3.56 -8.99 -21.84
CA ASP A 284 4.36 -9.64 -22.88
C ASP A 284 5.86 -9.82 -22.61
N ASN A 285 6.53 -8.92 -21.89
CA ASN A 285 8.01 -8.97 -21.87
C ASN A 285 8.65 -9.85 -20.78
N LEU A 286 9.94 -10.18 -20.94
CA LEU A 286 10.67 -10.74 -19.81
C LEU A 286 10.52 -9.85 -18.58
N PRO A 287 10.71 -10.42 -17.37
CA PRO A 287 10.69 -9.55 -16.19
C PRO A 287 11.50 -8.26 -16.40
N PRO A 288 11.03 -7.14 -15.82
CA PRO A 288 11.76 -5.89 -15.98
C PRO A 288 13.09 -5.87 -15.26
N ARG A 289 14.05 -5.13 -15.83
CA ARG A 289 15.41 -5.01 -15.24
C ARG A 289 15.62 -3.69 -14.58
N LEU A 290 16.44 -3.68 -13.53
CA LEU A 290 17.02 -2.42 -13.00
C LEU A 290 17.76 -1.61 -14.09
N LYS A 291 17.78 -0.27 -14.02
CA LYS A 291 18.52 0.60 -14.90
C LYS A 291 19.95 0.20 -14.74
N ASN A 292 20.35 0.01 -13.49
CA ASN A 292 21.77 -0.25 -13.25
C ASN A 292 22.05 -1.34 -12.21
N LEU A 293 22.35 -2.52 -12.73
CA LEU A 293 22.54 -3.71 -11.93
C LEU A 293 23.78 -3.61 -11.04
N HIS A 294 24.80 -2.87 -11.47
CA HIS A 294 25.96 -2.67 -10.62
C HIS A 294 25.66 -1.85 -9.36
N LYS A 295 24.44 -1.33 -9.25
CA LYS A 295 24.08 -0.50 -8.12
C LYS A 295 23.38 -1.33 -6.99
N VAL A 296 23.24 -2.63 -7.24
CA VAL A 296 22.72 -3.51 -6.22
C VAL A 296 23.74 -4.61 -5.98
N SER A 297 23.84 -5.07 -4.74
CA SER A 297 24.65 -6.21 -4.38
C SER A 297 24.09 -7.50 -4.98
N PRO A 298 24.94 -8.56 -5.12
CA PRO A 298 24.44 -9.87 -5.60
C PRO A 298 23.31 -10.33 -4.67
N SER A 299 23.41 -9.94 -3.40
CA SER A 299 22.36 -10.38 -2.42
C SER A 299 21.01 -9.73 -2.74
N LEU A 300 21.04 -8.39 -2.85
CA LEU A 300 19.85 -7.68 -3.32
C LEU A 300 19.34 -8.21 -4.69
N LYS A 301 20.24 -8.42 -5.66
CA LYS A 301 19.84 -8.99 -6.95
C LYS A 301 19.14 -10.38 -6.78
N GLY A 302 19.73 -11.30 -6.00
CA GLY A 302 19.14 -12.62 -5.70
C GLY A 302 17.74 -12.50 -5.10
N PHE A 303 17.59 -11.53 -4.19
CA PHE A 303 16.28 -11.22 -3.54
C PHE A 303 15.29 -10.78 -4.62
N LEU A 304 15.63 -9.77 -5.41
CA LEU A 304 14.71 -9.27 -6.43
C LEU A 304 14.26 -10.40 -7.40
N ASP A 305 15.18 -11.32 -7.71
CA ASP A 305 14.94 -12.40 -8.66
C ASP A 305 13.93 -13.38 -8.11
N ARG A 306 13.71 -13.38 -6.79
CA ARG A 306 12.71 -14.27 -6.24
C ARG A 306 11.31 -13.58 -6.27
N LEU A 307 11.32 -12.25 -6.43
CA LEU A 307 10.09 -11.45 -6.47
C LEU A 307 9.57 -11.36 -7.85
N LEU A 308 10.44 -11.01 -8.79
CA LEU A 308 9.97 -10.70 -10.16
C LEU A 308 9.98 -11.96 -11.08
N VAL A 309 9.32 -13.01 -10.62
CA VAL A 309 9.18 -14.29 -11.34
C VAL A 309 7.81 -14.27 -12.07
N ARG A 310 7.79 -14.58 -13.37
CA ARG A 310 6.56 -14.39 -14.14
C ARG A 310 5.54 -15.44 -13.73
N ASP A 311 6.00 -16.69 -13.53
CA ASP A 311 5.14 -17.82 -13.14
C ASP A 311 4.82 -17.71 -11.65
N PRO A 312 3.57 -17.36 -11.29
CA PRO A 312 3.27 -17.11 -9.86
C PRO A 312 3.54 -18.34 -8.96
N ALA A 313 3.39 -19.55 -9.50
CA ALA A 313 3.78 -20.75 -8.78
C ALA A 313 5.30 -20.80 -8.41
N GLN A 314 6.17 -20.13 -9.19
CA GLN A 314 7.62 -20.11 -8.92
C GLN A 314 8.05 -18.88 -8.08
N ARG A 315 7.19 -17.87 -8.02
CA ARG A 315 7.50 -16.68 -7.24
C ARG A 315 7.65 -17.08 -5.75
N ALA A 316 8.61 -16.52 -5.02
CA ALA A 316 8.69 -16.78 -3.58
C ALA A 316 7.41 -16.25 -2.83
N THR A 317 7.02 -16.90 -1.74
CA THR A 317 5.92 -16.38 -0.91
C THR A 317 6.54 -15.38 0.08
N ALA A 318 5.72 -14.58 0.75
CA ALA A 318 6.19 -13.72 1.84
C ALA A 318 6.86 -14.52 2.96
N ALA A 319 6.24 -15.66 3.34
CA ALA A 319 6.81 -16.56 4.39
C ALA A 319 8.23 -16.94 4.03
N GLU A 320 8.47 -17.33 2.75
CA GLU A 320 9.82 -17.73 2.31
C GLU A 320 10.80 -16.55 2.31
N LEU A 321 10.30 -15.40 1.89
CA LEU A 321 11.12 -14.22 1.77
C LEU A 321 11.57 -13.70 3.10
N LEU A 322 10.81 -13.90 4.17
CA LEU A 322 11.31 -13.49 5.47
C LEU A 322 12.63 -14.17 5.80
N LYS A 323 12.91 -15.33 5.19
CA LYS A 323 14.12 -16.09 5.51
C LYS A 323 15.29 -15.75 4.58
N HIS A 324 15.05 -14.86 3.63
CA HIS A 324 16.08 -14.57 2.65
C HIS A 324 17.23 -13.81 3.24
N PRO A 325 18.47 -14.18 2.85
CA PRO A 325 19.68 -13.56 3.42
C PRO A 325 19.79 -12.03 3.24
N PHE A 326 19.22 -11.52 2.15
CA PHE A 326 19.18 -10.09 1.97
C PHE A 326 18.58 -9.37 3.17
N LEU A 327 17.47 -9.88 3.72
CA LEU A 327 16.90 -9.25 4.91
C LEU A 327 17.84 -9.19 6.12
N ALA A 328 18.91 -9.98 6.11
CA ALA A 328 19.88 -9.89 7.23
C ALA A 328 20.51 -8.48 7.28
N LYS A 329 20.34 -7.71 6.22
CA LYS A 329 20.94 -6.39 6.10
C LYS A 329 20.13 -5.28 6.75
N ALA A 330 18.86 -5.55 7.08
CA ALA A 330 17.93 -4.54 7.52
C ALA A 330 18.44 -3.79 8.71
N GLY A 331 18.38 -2.48 8.63
CA GLY A 331 18.78 -1.68 9.80
C GLY A 331 17.55 -1.46 10.68
N PRO A 332 17.77 -0.85 11.86
CA PRO A 332 16.59 -0.58 12.64
C PRO A 332 15.82 0.59 11.99
N PRO A 333 14.63 0.92 12.50
CA PRO A 333 13.89 2.13 12.03
C PRO A 333 14.69 3.43 12.04
N ALA A 334 15.53 3.64 13.05
CA ALA A 334 16.43 4.79 13.05
C ALA A 334 17.17 4.94 11.71
N SER A 335 17.50 3.83 11.05
CA SER A 335 18.27 3.99 9.83
C SER A 335 17.47 4.68 8.72
N ILE A 336 16.12 4.65 8.82
CA ILE A 336 15.23 5.20 7.75
C ILE A 336 15.03 6.73 7.94
N VAL A 337 15.04 7.14 9.21
CA VAL A 337 14.86 8.56 9.63
C VAL A 337 15.54 9.70 8.81
N PRO A 338 16.86 9.60 8.58
CA PRO A 338 17.56 10.66 7.79
C PRO A 338 17.00 10.88 6.39
N LEU A 339 16.35 9.87 5.81
CA LEU A 339 15.82 9.92 4.48
C LEU A 339 14.61 10.87 4.35
N MET A 340 13.88 11.09 5.43
CA MET A 340 12.61 11.82 5.38
C MET A 340 12.80 13.30 5.14
N ARG A 341 11.79 13.95 4.59
CA ARG A 341 11.96 15.31 4.08
C ARG A 341 12.48 16.25 5.21
N GLN A 342 11.98 16.09 6.42
CA GLN A 342 12.26 17.02 7.52
C GLN A 342 13.69 16.87 8.03
N ASN A 343 14.35 15.85 7.57
CA ASN A 343 15.75 15.60 7.99
C ASN A 343 16.79 15.68 6.92
N ARG A 344 16.44 15.52 5.66
CA ARG A 344 17.53 15.47 4.70
C ARG A 344 17.89 16.91 4.45
N THR A 345 19.06 17.12 3.89
CA THR A 345 19.47 18.52 3.77
C THR A 345 18.68 19.32 2.69
N ARG B 1 1.33 11.68 -9.41
CA ARG B 1 1.42 10.16 -9.30
C ARG B 1 0.33 9.44 -10.14
N PRO B 2 0.67 8.28 -10.79
CA PRO B 2 -0.39 7.62 -11.59
C PRO B 2 -1.53 7.07 -10.68
N LYS B 3 -2.78 7.19 -11.12
CA LYS B 3 -3.93 6.85 -10.28
C LYS B 3 -4.17 5.30 -10.31
N PRO B 4 -4.79 4.71 -9.26
CA PRO B 4 -5.14 3.28 -9.45
C PRO B 4 -6.20 3.07 -10.57
N LEU B 5 -6.06 1.95 -11.32
CA LEU B 5 -7.06 1.51 -12.32
C LEU B 5 -7.96 0.44 -11.64
N VAL B 6 -9.28 0.64 -11.67
CA VAL B 6 -10.22 -0.28 -10.96
C VAL B 6 -11.13 -1.04 -11.93
#